data_3V4O
#
_entry.id   3V4O
#
_cell.length_a   77.500
_cell.length_b   77.500
_cell.length_c   180.493
_cell.angle_alpha   90.00
_cell.angle_beta   90.00
_cell.angle_gamma   120.00
#
_symmetry.space_group_name_H-M   'P 61 2 2'
#
loop_
_entity.id
_entity.type
_entity.pdbx_description
1 polymer 'Mucosa-associated lymphoid tissue lymphoma translocation protein 1'
2 polymer 'MALT1 Inhibitor'
3 water water
#
loop_
_entity_poly.entity_id
_entity_poly.type
_entity_poly.pdbx_seq_one_letter_code
_entity_poly.pdbx_strand_id
1 'polypeptide(L)'
;GPGSDNKEQTTDQPLAKDKVALLIGNMNYREHPKLKAPLVDVYELTNLLRQLDFKVVSLLDLTEYEMRNAVDEFLLLLDK
GVYGLLYYAGHGYENFGNSFMVPVDAPNPYRSENCLCVQNILKLMQEKETGLNVFLLDMCRKRNDYDDTIPILDALKVTA
NIVFGYATCQGAEAFEIQHSGLANGIFMKFLKDRLLEDKKITVLLDEVAEDMGKCHLTKGKQALEIRSSLSEKRALTDPI
QGTEY
;
A
2 'polypeptide(L)' (PHQ)VRPR(CF0) B
#
# COMPACT_ATOMS: atom_id res chain seq x y z
N ASP A 12 -18.85 16.39 -14.90
CA ASP A 12 -17.50 16.06 -15.45
C ASP A 12 -16.33 16.14 -14.43
N GLN A 13 -16.58 16.62 -13.22
CA GLN A 13 -15.60 16.42 -12.16
C GLN A 13 -15.88 15.02 -11.63
N PRO A 14 -14.88 14.11 -11.65
CA PRO A 14 -15.12 12.79 -11.07
C PRO A 14 -15.35 12.97 -9.56
N LEU A 15 -16.25 12.17 -9.00
CA LEU A 15 -16.58 12.27 -7.59
C LEU A 15 -16.47 10.91 -6.96
N ALA A 16 -16.20 10.92 -5.67
CA ALA A 16 -16.17 9.73 -4.85
C ALA A 16 -17.43 9.66 -4.03
N LYS A 17 -17.96 8.47 -3.83
CA LYS A 17 -19.10 8.30 -2.94
C LYS A 17 -18.66 8.52 -1.48
N ASP A 18 -17.47 8.02 -1.15
CA ASP A 18 -16.80 8.28 0.11
C ASP A 18 -15.32 8.01 -0.14
N LYS A 19 -14.46 8.32 0.82
CA LYS A 19 -13.03 8.07 0.68
C LYS A 19 -12.52 7.41 1.96
N VAL A 20 -12.06 6.18 1.81
CA VAL A 20 -11.76 5.30 2.95
C VAL A 20 -10.35 4.72 2.83
N ALA A 21 -9.56 4.73 3.90
CA ALA A 21 -8.22 4.16 3.80
C ALA A 21 -7.90 3.28 5.01
N LEU A 22 -7.16 2.20 4.78
CA LEU A 22 -6.55 1.43 5.83
C LEU A 22 -5.02 1.52 5.74
N LEU A 23 -4.36 1.84 6.86
CA LEU A 23 -2.91 1.98 6.86
C LEU A 23 -2.36 1.08 7.92
N ILE A 24 -1.35 0.28 7.57
CA ILE A 24 -0.75 -0.67 8.53
C ILE A 24 0.74 -0.51 8.48
N GLY A 25 1.36 -0.30 9.65
CA GLY A 25 2.83 -0.31 9.70
C GLY A 25 3.32 -1.36 10.70
N ASN A 26 4.11 -2.32 10.22
CA ASN A 26 4.57 -3.42 11.05
C ASN A 26 6.05 -3.27 11.30
N MET A 27 6.45 -3.32 12.56
CA MET A 27 7.82 -3.05 12.95
C MET A 27 8.44 -4.08 13.90
N ASN A 28 7.69 -4.46 14.93
CA ASN A 28 8.23 -5.27 16.02
C ASN A 28 8.04 -6.74 15.70
N TYR A 29 8.79 -7.24 14.72
CA TYR A 29 8.63 -8.64 14.33
C TYR A 29 9.27 -9.55 15.37
N ARG A 30 8.59 -10.66 15.67
CA ARG A 30 9.08 -11.58 16.68
C ARG A 30 10.20 -12.44 16.17
N GLU A 31 10.14 -12.77 14.88
CA GLU A 31 11.10 -13.72 14.31
C GLU A 31 11.82 -13.20 13.09
N HIS A 32 11.67 -11.91 12.80
CA HIS A 32 12.34 -11.32 11.64
C HIS A 32 12.95 -10.00 12.03
N PRO A 33 13.84 -9.45 11.20
CA PRO A 33 14.43 -8.19 11.62
C PRO A 33 13.37 -7.10 11.87
N LYS A 34 13.58 -6.35 12.94
CA LYS A 34 12.66 -5.27 13.29
C LYS A 34 12.87 -4.07 12.37
N LEU A 35 11.80 -3.29 12.19
CA LEU A 35 11.86 -2.09 11.35
C LEU A 35 11.56 -0.89 12.23
N LYS A 36 11.89 0.31 11.76
CA LYS A 36 11.65 1.50 12.59
C LYS A 36 10.72 2.52 11.95
N ALA A 37 10.97 2.78 10.69
CA ALA A 37 10.26 3.81 9.92
C ALA A 37 8.74 3.63 9.65
N PRO A 38 8.20 2.37 9.69
CA PRO A 38 6.77 2.29 9.43
C PRO A 38 5.94 3.20 10.32
N LEU A 39 6.37 3.43 11.56
CA LEU A 39 5.58 4.29 12.45
C LEU A 39 5.42 5.69 11.88
N VAL A 40 6.53 6.31 11.60
CA VAL A 40 6.55 7.66 11.04
CA VAL A 40 6.42 7.66 11.06
C VAL A 40 5.87 7.71 9.63
N ASP A 41 6.02 6.63 8.87
CA ASP A 41 5.43 6.59 7.50
C ASP A 41 3.91 6.59 7.62
N VAL A 42 3.43 5.77 8.54
CA VAL A 42 2.00 5.69 8.76
C VAL A 42 1.49 6.99 9.36
N TYR A 43 2.19 7.54 10.34
CA TYR A 43 1.75 8.80 10.92
C TYR A 43 1.60 9.85 9.80
N GLU A 44 2.59 9.94 8.93
CA GLU A 44 2.60 10.99 7.90
C GLU A 44 1.42 10.82 6.90
N LEU A 45 1.20 9.60 6.44
CA LEU A 45 0.18 9.35 5.41
C LEU A 45 -1.19 9.51 6.04
N THR A 46 -1.32 9.18 7.31
CA THR A 46 -2.60 9.42 8.00
C THR A 46 -2.98 10.92 7.95
N ASN A 47 -2.02 11.76 8.31
CA ASN A 47 -2.21 13.20 8.31
C ASN A 47 -2.59 13.74 6.93
N LEU A 48 -1.80 13.39 5.94
CA LEU A 48 -2.07 13.78 4.55
C LEU A 48 -3.44 13.31 4.04
N LEU A 49 -3.77 12.03 4.23
CA LEU A 49 -5.06 11.55 3.78
C LEU A 49 -6.22 12.18 4.55
N ARG A 50 -6.06 12.44 5.85
CA ARG A 50 -7.10 13.19 6.55
C ARG A 50 -7.30 14.58 5.94
N GLN A 51 -6.23 15.24 5.52
CA GLN A 51 -6.34 16.54 4.85
C GLN A 51 -7.16 16.43 3.59
N LEU A 52 -7.11 15.26 2.95
CA LEU A 52 -7.87 14.98 1.72
C LEU A 52 -9.23 14.38 1.99
N ASP A 53 -9.69 14.45 3.23
CA ASP A 53 -11.05 14.03 3.60
C ASP A 53 -11.30 12.54 3.58
N PHE A 54 -10.25 11.74 3.69
CA PHE A 54 -10.42 10.30 3.87
C PHE A 54 -10.82 10.00 5.29
N LYS A 55 -11.65 8.97 5.46
CA LYS A 55 -11.76 8.32 6.75
C LYS A 55 -10.61 7.31 6.83
N VAL A 56 -9.75 7.48 7.83
CA VAL A 56 -8.51 6.67 7.90
C VAL A 56 -8.43 5.83 9.18
N VAL A 57 -8.21 4.54 9.03
CA VAL A 57 -7.87 3.68 10.15
C VAL A 57 -6.38 3.40 10.03
N SER A 58 -5.62 3.63 11.11
CA SER A 58 -4.18 3.53 11.04
C SER A 58 -3.72 2.70 12.23
N LEU A 59 -2.91 1.67 11.97
CA LEU A 59 -2.69 0.61 12.93
C LEU A 59 -1.26 0.16 12.85
N LEU A 60 -0.67 -0.26 13.97
CA LEU A 60 0.75 -0.64 14.00
C LEU A 60 0.92 -2.04 14.56
N ASP A 61 1.97 -2.72 14.12
CA ASP A 61 2.42 -3.98 14.75
C ASP A 61 1.28 -4.96 14.84
N LEU A 62 0.72 -5.35 13.70
CA LEU A 62 -0.42 -6.22 13.71
C LEU A 62 0.00 -7.68 13.52
N THR A 63 -0.62 -8.56 14.31
CA THR A 63 -0.45 -9.99 14.14
C THR A 63 -1.32 -10.39 12.96
N GLU A 64 -1.18 -11.62 12.49
CA GLU A 64 -1.99 -12.09 11.39
C GLU A 64 -3.48 -11.91 11.67
N TYR A 65 -3.88 -12.33 12.86
CA TYR A 65 -5.28 -12.21 13.28
C TYR A 65 -5.76 -10.74 13.24
N GLU A 66 -4.96 -9.83 13.78
CA GLU A 66 -5.34 -8.38 13.75
C GLU A 66 -5.37 -7.81 12.32
N MET A 67 -4.44 -8.29 11.48
CA MET A 67 -4.44 -7.88 10.07
C MET A 67 -5.70 -8.32 9.34
N ARG A 68 -6.11 -9.58 9.55
CA ARG A 68 -7.33 -10.04 8.85
C ARG A 68 -8.53 -9.29 9.37
N ASN A 69 -8.58 -9.06 10.68
CA ASN A 69 -9.70 -8.25 11.23
C ASN A 69 -9.75 -6.82 10.67
N ALA A 70 -8.59 -6.16 10.63
CA ALA A 70 -8.48 -4.79 10.09
C ALA A 70 -8.94 -4.79 8.64
N VAL A 71 -8.54 -5.76 7.84
CA VAL A 71 -9.07 -5.65 6.47
C VAL A 71 -10.59 -5.91 6.36
N ASP A 72 -11.13 -6.81 7.17
CA ASP A 72 -12.59 -7.02 7.19
C ASP A 72 -13.32 -5.75 7.56
N GLU A 73 -12.79 -5.01 8.54
CA GLU A 73 -13.42 -3.74 8.92
C GLU A 73 -13.35 -2.74 7.79
N PHE A 74 -12.21 -2.67 7.14
CA PHE A 74 -12.03 -1.79 5.99
C PHE A 74 -13.01 -2.13 4.85
N LEU A 75 -13.09 -3.42 4.52
CA LEU A 75 -14.06 -3.93 3.54
C LEU A 75 -15.52 -3.50 3.82
N LEU A 76 -15.92 -3.55 5.09
CA LEU A 76 -17.26 -3.14 5.49
C LEU A 76 -17.54 -1.67 5.22
N LEU A 77 -16.50 -0.85 5.19
CA LEU A 77 -16.66 0.59 4.93
C LEU A 77 -16.73 0.90 3.42
N LEU A 78 -16.48 -0.11 2.59
CA LEU A 78 -16.51 0.10 1.14
C LEU A 78 -17.89 -0.21 0.55
N ASP A 79 -18.24 0.55 -0.46
CA ASP A 79 -19.49 0.37 -1.16
C ASP A 79 -19.33 0.97 -2.54
N LYS A 80 -20.43 0.98 -3.28
CA LYS A 80 -20.41 1.39 -4.67
C LYS A 80 -19.97 2.82 -4.87
N GLY A 81 -18.93 2.99 -5.68
CA GLY A 81 -18.44 4.32 -5.93
C GLY A 81 -17.45 4.83 -4.89
N VAL A 82 -17.16 4.06 -3.86
CA VAL A 82 -16.25 4.54 -2.80
C VAL A 82 -14.82 4.38 -3.26
N TYR A 83 -13.96 5.33 -2.90
CA TYR A 83 -12.51 5.25 -3.17
C TYR A 83 -11.87 4.53 -1.98
N GLY A 84 -11.35 3.33 -2.23
CA GLY A 84 -10.66 2.58 -1.20
C GLY A 84 -9.14 2.61 -1.38
N LEU A 85 -8.41 2.86 -0.29
CA LEU A 85 -6.94 2.83 -0.34
C LEU A 85 -6.33 2.02 0.80
N LEU A 86 -5.33 1.20 0.46
CA LEU A 86 -4.62 0.40 1.42
C LEU A 86 -3.16 0.79 1.35
N TYR A 87 -2.57 1.12 2.50
CA TYR A 87 -1.14 1.35 2.57
C TYR A 87 -0.53 0.38 3.57
N TYR A 88 0.56 -0.26 3.19
CA TYR A 88 1.21 -1.23 4.08
C TYR A 88 2.69 -0.94 4.07
N ALA A 89 3.27 -0.74 5.24
CA ALA A 89 4.72 -0.60 5.45
C ALA A 89 5.18 -1.72 6.38
N GLY A 90 6.13 -2.56 5.94
CA GLY A 90 6.62 -3.64 6.77
C GLY A 90 7.19 -4.71 5.88
N HIS A 91 7.45 -5.90 6.42
CA HIS A 91 8.00 -7.01 5.61
C HIS A 91 6.96 -7.54 4.67
N GLY A 92 7.41 -7.91 3.46
CA GLY A 92 6.51 -8.49 2.49
C GLY A 92 7.29 -9.39 1.55
N TYR A 93 6.59 -10.08 0.66
CA TYR A 93 7.30 -10.83 -0.37
C TYR A 93 6.38 -11.03 -1.55
N GLU A 94 6.95 -11.54 -2.64
CA GLU A 94 6.18 -11.71 -3.83
C GLU A 94 6.55 -13.04 -4.52
N ASN A 95 5.55 -13.92 -4.67
CA ASN A 95 5.77 -15.20 -5.35
C ASN A 95 4.83 -15.27 -6.52
N PHE A 96 5.39 -15.48 -7.71
CA PHE A 96 4.56 -15.67 -8.90
C PHE A 96 3.60 -14.51 -9.11
N GLY A 97 4.08 -13.30 -8.88
CA GLY A 97 3.28 -12.11 -9.12
C GLY A 97 2.28 -11.78 -8.04
N ASN A 98 2.06 -12.66 -7.07
CA ASN A 98 1.24 -12.28 -5.93
C ASN A 98 2.07 -11.72 -4.79
N SER A 99 1.59 -10.61 -4.23
CA SER A 99 2.26 -9.92 -3.14
C SER A 99 1.64 -10.31 -1.82
N PHE A 100 2.49 -10.52 -0.83
CA PHE A 100 2.03 -10.94 0.47
C PHE A 100 2.56 -9.99 1.56
N MET A 101 1.72 -9.68 2.53
CA MET A 101 2.12 -8.84 3.64
C MET A 101 2.36 -9.77 4.81
N VAL A 102 3.50 -9.58 5.49
CA VAL A 102 3.92 -10.45 6.58
C VAL A 102 3.63 -9.84 7.98
N PRO A 103 2.80 -10.50 8.80
CA PRO A 103 2.42 -10.02 10.15
C PRO A 103 3.55 -10.17 11.15
N VAL A 104 3.44 -9.48 12.29
CA VAL A 104 4.58 -9.43 13.22
C VAL A 104 4.78 -10.81 13.88
N ASP A 105 3.74 -11.63 13.94
CA ASP A 105 3.85 -12.99 14.50
C ASP A 105 4.19 -14.10 13.49
N ALA A 106 4.59 -13.73 12.27
CA ALA A 106 5.06 -14.74 11.31
C ALA A 106 6.19 -15.60 11.89
N PRO A 107 6.10 -16.94 11.73
CA PRO A 107 7.20 -17.78 12.16
C PRO A 107 8.36 -17.62 11.17
N ASN A 108 9.50 -18.22 11.50
CA ASN A 108 10.62 -18.26 10.56
C ASN A 108 11.11 -19.71 10.37
N PRO A 109 10.91 -20.29 9.17
CA PRO A 109 10.33 -19.72 7.95
C PRO A 109 8.83 -19.59 8.03
N TYR A 110 8.23 -18.92 7.05
CA TYR A 110 6.80 -18.75 7.03
C TYR A 110 6.31 -19.02 5.61
N ARG A 111 5.04 -19.31 5.43
CA ARG A 111 4.49 -19.58 4.09
C ARG A 111 3.33 -18.64 3.83
N SER A 112 2.65 -18.80 2.70
CA SER A 112 1.56 -17.92 2.34
C SER A 112 0.39 -17.94 3.33
N GLU A 113 0.17 -19.08 3.98
CA GLU A 113 -0.93 -19.22 4.93
C GLU A 113 -0.74 -18.38 6.20
N ASN A 114 0.50 -17.99 6.52
CA ASN A 114 0.77 -17.07 7.64
C ASN A 114 0.59 -15.59 7.26
N CYS A 115 0.28 -15.30 6.00
CA CYS A 115 0.38 -13.93 5.47
C CYS A 115 -0.88 -13.51 4.78
N LEU A 116 -1.04 -12.22 4.53
CA LEU A 116 -2.20 -11.78 3.72
C LEU A 116 -1.81 -11.51 2.29
N CYS A 117 -2.62 -12.03 1.37
CA CYS A 117 -2.39 -11.85 -0.05
C CYS A 117 -3.14 -10.61 -0.54
N VAL A 118 -2.41 -9.65 -1.11
CA VAL A 118 -2.98 -8.40 -1.52
C VAL A 118 -4.03 -8.58 -2.63
N GLN A 119 -3.76 -9.50 -3.56
CA GLN A 119 -4.70 -9.77 -4.65
C GLN A 119 -6.09 -10.25 -4.14
N ASN A 120 -6.11 -11.09 -3.10
CA ASN A 120 -7.40 -11.51 -2.48
C ASN A 120 -8.16 -10.31 -1.90
N ILE A 121 -7.42 -9.34 -1.37
CA ILE A 121 -8.08 -8.19 -0.80
C ILE A 121 -8.68 -7.43 -1.94
N LEU A 122 -7.94 -7.27 -3.04
CA LEU A 122 -8.45 -6.52 -4.20
C LEU A 122 -9.75 -7.18 -4.76
N LYS A 123 -9.77 -8.49 -4.83
CA LYS A 123 -10.97 -9.20 -5.27
C LYS A 123 -12.17 -8.82 -4.39
N LEU A 124 -11.97 -8.82 -3.07
CA LEU A 124 -13.03 -8.47 -2.11
C LEU A 124 -13.50 -7.04 -2.28
N MET A 125 -12.58 -6.14 -2.62
CA MET A 125 -12.93 -4.73 -2.85
C MET A 125 -13.76 -4.56 -4.11
N GLN A 126 -13.40 -5.31 -5.16
CA GLN A 126 -14.14 -5.19 -6.40
C GLN A 126 -15.56 -5.68 -6.21
N GLU A 127 -15.75 -6.71 -5.38
CA GLU A 127 -17.09 -7.18 -5.06
C GLU A 127 -17.97 -6.11 -4.41
N LYS A 128 -17.34 -5.09 -3.80
CA LYS A 128 -18.10 -3.95 -3.25
C LYS A 128 -18.34 -2.86 -4.28
N GLU A 129 -17.86 -3.08 -5.50
CA GLU A 129 -18.01 -2.09 -6.60
C GLU A 129 -17.43 -0.72 -6.34
N THR A 130 -16.29 -0.67 -5.67
CA THR A 130 -15.66 0.61 -5.38
C THR A 130 -15.45 1.37 -6.68
N GLY A 131 -15.40 2.70 -6.60
CA GLY A 131 -15.03 3.53 -7.73
C GLY A 131 -13.52 3.64 -7.97
N LEU A 132 -12.72 3.37 -6.95
CA LEU A 132 -11.27 3.45 -7.09
C LEU A 132 -10.62 2.50 -6.10
N ASN A 133 -9.62 1.74 -6.54
CA ASN A 133 -8.82 0.86 -5.66
C ASN A 133 -7.33 1.21 -5.74
N VAL A 134 -6.75 1.68 -4.63
CA VAL A 134 -5.32 2.07 -4.61
C VAL A 134 -4.58 1.23 -3.59
N PHE A 135 -3.46 0.62 -3.98
CA PHE A 135 -2.63 -0.14 -3.06
C PHE A 135 -1.25 0.50 -3.09
N LEU A 136 -0.77 0.93 -1.92
CA LEU A 136 0.58 1.48 -1.82
C LEU A 136 1.33 0.49 -0.94
N LEU A 137 2.22 -0.28 -1.54
CA LEU A 137 2.84 -1.40 -0.87
C LEU A 137 4.29 -1.05 -0.68
N ASP A 138 4.63 -0.72 0.57
CA ASP A 138 5.93 -0.19 0.92
C ASP A 138 6.67 -1.34 1.64
N MET A 139 7.16 -2.29 0.86
CA MET A 139 7.66 -3.56 1.36
C MET A 139 8.53 -4.19 0.24
N CYS A 140 9.41 -5.10 0.62
CA CYS A 140 10.19 -5.90 -0.33
C CYS A 140 9.32 -6.83 -1.18
N ARG A 141 9.85 -7.20 -2.33
CA ARG A 141 9.10 -8.01 -3.26
C ARG A 141 9.95 -9.18 -3.80
N LYS A 142 10.77 -9.77 -2.93
CA LYS A 142 11.58 -10.93 -3.31
C LYS A 142 10.77 -12.17 -3.07
N ARG A 143 11.22 -13.28 -3.68
CA ARG A 143 10.57 -14.58 -3.54
C ARG A 143 10.70 -15.08 -2.11
N ASN A 144 9.72 -15.86 -1.66
CA ASN A 144 9.84 -16.60 -0.43
C ASN A 144 10.10 -18.05 -0.84
N ASP A 145 11.35 -18.50 -0.70
CA ASP A 145 11.74 -19.88 -1.06
C ASP A 145 10.98 -20.97 -0.33
N TYR A 146 10.54 -20.70 0.90
CA TYR A 146 9.85 -21.71 1.69
C TYR A 146 8.39 -21.83 1.34
N ASP A 147 7.87 -20.84 0.60
CA ASP A 147 6.49 -20.87 0.23
C ASP A 147 6.30 -21.83 -0.94
N ASP A 148 5.80 -23.00 -0.62
CA ASP A 148 5.63 -24.10 -1.54
C ASP A 148 4.56 -23.82 -2.57
N THR A 149 3.51 -23.16 -2.10
CA THR A 149 2.21 -23.18 -2.74
C THR A 149 2.11 -22.38 -4.05
N ILE A 150 0.99 -22.57 -4.75
CA ILE A 150 0.74 -21.93 -6.04
C ILE A 150 -0.54 -21.12 -5.94
N PRO A 151 -0.61 -19.99 -6.67
CA PRO A 151 -1.84 -19.23 -6.63
C PRO A 151 -3.04 -19.96 -7.22
N ILE A 152 -3.04 -20.11 -8.54
CA ILE A 152 -4.27 -20.33 -9.30
C ILE A 152 -5.49 -19.59 -8.68
N LEU A 153 -5.37 -18.27 -8.52
CA LEU A 153 -6.51 -17.42 -8.14
C LEU A 153 -7.36 -17.14 -9.37
N ASP A 154 -8.64 -16.82 -9.15
CA ASP A 154 -9.51 -16.51 -10.27
C ASP A 154 -9.07 -15.20 -10.91
N ALA A 155 -9.30 -15.05 -12.21
CA ALA A 155 -9.03 -13.78 -12.85
C ALA A 155 -9.92 -12.69 -12.22
N LEU A 156 -9.38 -11.49 -12.08
CA LEU A 156 -10.18 -10.40 -11.57
C LEU A 156 -11.04 -9.79 -12.67
N LYS A 157 -12.18 -9.23 -12.31
CA LYS A 157 -12.96 -8.42 -13.25
C LYS A 157 -12.14 -7.28 -13.79
N VAL A 158 -12.51 -6.86 -15.00
CA VAL A 158 -11.94 -5.66 -15.59
C VAL A 158 -12.73 -4.44 -15.15
N THR A 159 -12.27 -3.80 -14.06
CA THR A 159 -13.03 -2.65 -13.51
C THR A 159 -12.36 -1.34 -13.93
N ALA A 160 -11.16 -1.45 -14.50
CA ALA A 160 -10.47 -0.29 -15.02
C ALA A 160 -10.30 0.82 -13.97
N ASN A 161 -10.01 0.46 -12.72
CA ASN A 161 -9.97 1.47 -11.66
C ASN A 161 -9.00 1.08 -10.54
N ILE A 162 -7.91 0.43 -10.92
CA ILE A 162 -6.98 -0.17 -10.00
C ILE A 162 -5.63 0.49 -10.19
N VAL A 163 -5.06 1.02 -9.11
CA VAL A 163 -3.70 1.55 -9.17
C VAL A 163 -2.86 0.92 -8.06
N PHE A 164 -1.72 0.32 -8.40
CA PHE A 164 -0.73 -0.09 -7.41
C PHE A 164 0.43 0.90 -7.47
N GLY A 165 0.84 1.42 -6.32
CA GLY A 165 2.12 2.08 -6.18
C GLY A 165 3.03 1.20 -5.33
N TYR A 166 3.91 0.44 -5.96
CA TYR A 166 4.83 -0.39 -5.19
C TYR A 166 6.09 0.45 -4.93
N ALA A 167 6.53 0.47 -3.68
CA ALA A 167 7.77 1.16 -3.28
C ALA A 167 8.94 0.66 -4.11
N THR A 168 8.88 -0.59 -4.53
CA THR A 168 10.01 -1.17 -5.29
C THR A 168 9.54 -2.11 -6.42
N CYS A 169 10.47 -2.62 -7.23
CA CYS A 169 10.18 -3.51 -8.33
C CYS A 169 10.19 -4.99 -7.89
N GLN A 170 9.53 -5.84 -8.68
CA GLN A 170 9.45 -7.27 -8.38
C GLN A 170 10.85 -7.86 -8.25
N GLY A 171 11.06 -8.72 -7.25
CA GLY A 171 12.37 -9.33 -7.00
C GLY A 171 13.35 -8.36 -6.36
N ALA A 172 12.88 -7.19 -5.95
CA ALA A 172 13.79 -6.22 -5.36
C ALA A 172 13.36 -5.81 -3.93
N GLU A 173 14.19 -4.98 -3.28
CA GLU A 173 13.92 -4.60 -1.89
C GLU A 173 13.43 -3.17 -1.84
N ALA A 174 12.65 -2.85 -0.80
CA ALA A 174 12.28 -1.49 -0.49
C ALA A 174 12.99 -1.13 0.83
N PHE A 175 13.31 0.14 1.02
CA PHE A 175 14.22 0.54 2.09
C PHE A 175 13.73 1.65 3.01
N GLU A 176 14.33 1.69 4.19
CA GLU A 176 14.26 2.83 5.07
C GLU A 176 15.70 3.09 5.51
N ILE A 177 15.93 4.18 6.21
CA ILE A 177 17.28 4.57 6.55
C ILE A 177 17.66 3.81 7.82
N GLN A 178 18.85 3.24 7.79
CA GLN A 178 19.39 2.44 8.89
C GLN A 178 19.35 3.28 10.18
N HIS A 179 18.96 2.65 11.29
CA HIS A 179 18.75 3.37 12.58
C HIS A 179 17.93 4.64 12.29
N SER A 180 16.73 4.46 11.78
CA SER A 180 16.04 5.54 11.06
C SER A 180 15.72 6.78 11.89
N GLY A 181 15.34 6.55 13.14
CA GLY A 181 14.89 7.63 14.01
C GLY A 181 13.65 8.35 13.49
N LEU A 182 13.85 9.59 13.06
CA LEU A 182 12.75 10.42 12.61
C LEU A 182 12.48 10.32 11.11
N ALA A 183 13.42 9.76 10.36
CA ALA A 183 13.34 9.75 8.89
C ALA A 183 12.23 8.82 8.38
N ASN A 184 11.52 9.27 7.38
CA ASN A 184 10.64 8.40 6.63
C ASN A 184 11.45 7.36 5.90
N GLY A 185 10.82 6.24 5.57
CA GLY A 185 11.41 5.32 4.59
C GLY A 185 11.42 5.97 3.20
N ILE A 186 12.06 5.33 2.24
CA ILE A 186 12.37 6.00 0.97
C ILE A 186 11.10 6.35 0.20
N PHE A 187 10.17 5.41 0.12
CA PHE A 187 8.90 5.63 -0.56
C PHE A 187 8.13 6.87 -0.01
N MET A 188 7.89 6.89 1.29
CA MET A 188 7.14 7.97 1.91
C MET A 188 7.90 9.31 1.86
N LYS A 189 9.22 9.25 1.94
CA LYS A 189 10.02 10.48 1.85
C LYS A 189 9.56 11.25 0.62
N PHE A 190 9.39 10.54 -0.48
CA PHE A 190 9.05 11.18 -1.73
C PHE A 190 7.54 11.32 -1.96
N LEU A 191 6.78 10.32 -1.56
CA LEU A 191 5.33 10.40 -1.69
C LEU A 191 4.75 11.59 -0.92
N LYS A 192 5.23 11.86 0.30
CA LYS A 192 4.62 12.87 1.14
C LYS A 192 4.65 14.27 0.52
N ASP A 193 5.61 14.55 -0.36
CA ASP A 193 5.69 15.87 -0.98
C ASP A 193 4.78 16.07 -2.20
N ARG A 194 4.15 14.99 -2.66
CA ARG A 194 3.27 15.07 -3.85
C ARG A 194 1.81 14.71 -3.62
N LEU A 195 1.53 14.05 -2.48
CA LEU A 195 0.23 13.41 -2.31
C LEU A 195 -0.95 14.40 -2.31
N LEU A 196 -0.70 15.64 -1.92
CA LEU A 196 -1.76 16.67 -1.89
C LEU A 196 -2.09 17.24 -3.29
N GLU A 197 -1.29 16.93 -4.29
CA GLU A 197 -1.53 17.49 -5.61
C GLU A 197 -2.87 17.04 -6.18
N ASP A 198 -3.52 17.95 -6.90
CA ASP A 198 -4.81 17.63 -7.49
C ASP A 198 -4.54 17.12 -8.91
N LYS A 199 -4.10 15.85 -9.01
CA LYS A 199 -3.77 15.18 -10.27
C LYS A 199 -4.18 13.73 -10.16
N LYS A 200 -4.49 13.13 -11.30
CA LYS A 200 -4.89 11.71 -11.35
C LYS A 200 -3.79 10.94 -10.59
N ILE A 201 -4.18 9.98 -9.77
CA ILE A 201 -3.26 9.28 -8.87
C ILE A 201 -2.11 8.63 -9.67
N THR A 202 -2.42 8.17 -10.87
CA THR A 202 -1.41 7.55 -11.74
C THR A 202 -0.30 8.54 -12.07
N VAL A 203 -0.68 9.76 -12.34
CA VAL A 203 0.26 10.76 -12.80
C VAL A 203 1.06 11.23 -11.60
N LEU A 204 0.38 11.37 -10.46
CA LEU A 204 1.02 11.79 -9.23
C LEU A 204 2.11 10.78 -8.85
N LEU A 205 1.79 9.48 -8.98
CA LEU A 205 2.78 8.44 -8.61
C LEU A 205 3.98 8.45 -9.57
N ASP A 206 3.71 8.77 -10.84
CA ASP A 206 4.76 8.89 -11.83
C ASP A 206 5.79 10.00 -11.48
N GLU A 207 5.29 11.12 -10.95
CA GLU A 207 6.14 12.21 -10.48
C GLU A 207 6.97 11.75 -9.30
N VAL A 208 6.35 11.06 -8.36
CA VAL A 208 7.07 10.44 -7.25
C VAL A 208 8.16 9.48 -7.73
N ALA A 209 7.87 8.69 -8.76
CA ALA A 209 8.90 7.80 -9.33
C ALA A 209 10.14 8.59 -9.82
N GLU A 210 9.87 9.72 -10.45
CA GLU A 210 10.92 10.59 -10.94
C GLU A 210 11.73 11.20 -9.78
N ASP A 211 11.05 11.69 -8.73
CA ASP A 211 11.76 12.26 -7.57
C ASP A 211 12.67 11.22 -6.94
N MET A 212 12.15 10.00 -6.79
CA MET A 212 12.90 8.93 -6.14
C MET A 212 14.13 8.56 -6.96
N GLY A 213 14.03 8.72 -8.28
CA GLY A 213 15.18 8.39 -9.12
C GLY A 213 16.38 9.31 -8.91
N LYS A 214 16.18 10.43 -8.22
CA LYS A 214 17.30 11.35 -7.91
C LYS A 214 18.00 11.01 -6.58
N CYS A 215 17.47 10.01 -5.88
CA CYS A 215 17.99 9.65 -4.58
C CYS A 215 19.16 8.70 -4.76
N HIS A 216 20.33 9.18 -4.35
CA HIS A 216 21.57 8.47 -4.52
C HIS A 216 21.61 7.18 -3.75
N LEU A 217 21.10 7.16 -2.52
CA LEU A 217 21.11 5.97 -1.70
C LEU A 217 20.51 4.75 -2.38
N THR A 218 19.48 4.94 -3.19
CA THR A 218 18.74 3.79 -3.71
C THR A 218 18.97 3.45 -5.21
N LYS A 219 19.80 4.25 -5.89
CA LYS A 219 20.09 3.98 -7.30
C LYS A 219 20.51 2.54 -7.48
N GLY A 220 19.87 1.84 -8.41
CA GLY A 220 20.21 0.46 -8.67
C GLY A 220 19.66 -0.55 -7.69
N LYS A 221 18.86 -0.11 -6.72
CA LYS A 221 18.31 -1.11 -5.80
C LYS A 221 16.83 -0.96 -5.43
N GLN A 222 16.33 0.27 -5.48
CA GLN A 222 14.90 0.49 -5.30
C GLN A 222 14.39 1.50 -6.33
N ALA A 223 13.28 1.15 -6.98
CA ALA A 223 12.59 2.10 -7.85
C ALA A 223 11.08 1.88 -7.76
N LEU A 224 10.34 2.97 -7.66
CA LEU A 224 8.93 2.92 -7.61
C LEU A 224 8.41 2.17 -8.84
N GLU A 225 7.46 1.24 -8.66
CA GLU A 225 6.73 0.66 -9.77
C GLU A 225 5.24 1.02 -9.71
N ILE A 226 4.73 1.59 -10.79
CA ILE A 226 3.32 1.85 -10.88
C ILE A 226 2.70 0.80 -11.77
N ARG A 227 1.56 0.27 -11.34
CA ARG A 227 0.81 -0.62 -12.19
C ARG A 227 -0.62 -0.17 -12.11
N SER A 228 -1.21 0.21 -13.26
CA SER A 228 -2.49 0.89 -13.26
C SER A 228 -3.35 0.47 -14.44
N SER A 229 -4.62 0.19 -14.18
CA SER A 229 -5.61 0.10 -15.25
C SER A 229 -6.69 1.17 -15.09
N LEU A 230 -6.39 2.19 -14.28
CA LEU A 230 -7.36 3.25 -14.07
C LEU A 230 -7.57 4.05 -15.36
N SER A 231 -8.77 3.99 -15.95
CA SER A 231 -9.02 4.76 -17.16
C SER A 231 -9.53 6.16 -16.82
N GLU A 232 -10.55 6.26 -15.98
CA GLU A 232 -11.02 7.60 -15.59
C GLU A 232 -10.00 8.40 -14.80
N LYS A 233 -10.12 9.71 -14.90
CA LYS A 233 -9.15 10.65 -14.35
C LYS A 233 -9.36 10.88 -12.85
N ARG A 234 -9.20 9.83 -12.05
CA ARG A 234 -9.56 9.91 -10.66
C ARG A 234 -8.37 10.33 -9.80
N ALA A 235 -8.65 11.10 -8.75
CA ALA A 235 -7.58 11.68 -7.91
C ALA A 235 -7.97 11.56 -6.44
N LEU A 236 -7.00 11.44 -5.53
CA LEU A 236 -7.30 11.37 -4.11
C LEU A 236 -7.96 12.67 -3.60
N THR A 237 -7.76 13.76 -4.31
CA THR A 237 -8.40 15.05 -4.02
C THR A 237 -9.85 15.15 -4.52
N ASP A 238 -10.37 14.14 -5.23
CA ASP A 238 -11.72 14.28 -5.76
C ASP A 238 -12.72 14.51 -4.64
N PRO A 239 -13.67 15.43 -4.88
CA PRO A 239 -14.67 15.74 -3.85
C PRO A 239 -15.62 14.58 -3.60
N ILE A 240 -16.09 14.47 -2.36
CA ILE A 240 -17.10 13.49 -1.99
C ILE A 240 -18.50 13.98 -2.38
N GLN A 241 -19.23 13.13 -3.10
CA GLN A 241 -20.53 13.48 -3.65
C GLN A 241 -21.46 14.04 -2.60
N GLY A 242 -22.14 15.14 -2.93
CA GLY A 242 -23.13 15.68 -2.01
C GLY A 242 -22.57 16.57 -0.92
N THR A 243 -21.26 16.77 -0.88
CA THR A 243 -20.68 17.79 0.00
C THR A 243 -20.43 19.00 -0.89
N GLU A 244 -19.95 20.09 -0.32
CA GLU A 244 -19.75 21.30 -1.12
C GLU A 244 -18.29 21.57 -1.46
N TYR A 245 -18.02 21.76 -2.74
CA TYR A 245 -16.64 21.90 -3.25
C TYR A 245 -16.43 23.20 -4.03
N VAL B 2 21.02 1.75 4.26
CA VAL B 2 19.61 1.49 4.17
C VAL B 2 19.36 0.21 4.92
N ARG B 3 18.08 -0.01 5.31
CA ARG B 3 17.70 -1.25 5.95
C ARG B 3 16.55 -1.79 5.08
N PRO B 4 16.55 -3.03 4.56
CA PRO B 4 15.42 -3.44 3.72
C PRO B 4 14.17 -3.85 4.47
N ARG B 5 13.04 -3.81 3.75
CA ARG B 5 11.74 -4.21 4.29
C ARG B 5 11.36 -5.53 3.59
#